data_7O6F
#
_entry.id   7O6F
#
_cell.length_a   82.802
_cell.length_b   112.469
_cell.length_c   62.707
_cell.angle_alpha   90.000
_cell.angle_beta   90.000
_cell.angle_gamma   90.000
#
_symmetry.space_group_name_H-M   'C 2 2 21'
#
loop_
_entity.id
_entity.type
_entity.pdbx_description
1 polymer '14-3-3 protein sigma'
2 polymer 'Transcription factor p65'
3 non-polymer 'CHLORIDE ION'
4 non-polymer 4-[4-(2-hydroxyethyl)piperidin-1-yl]carbonylbenzaldehyde
5 non-polymer 'CALCIUM ION'
6 non-polymer GLYCEROL
7 water water
#
loop_
_entity_poly.entity_id
_entity_poly.type
_entity_poly.pdbx_seq_one_letter_code
_entity_poly.pdbx_strand_id
1 'polypeptide(L)'
;GAMGSMERASLIQKAKLAEQAERYEDMAAFMKGAVEKGEELS(CSO)EERNLLSVAYKNVVGGQRAAWRVLSSIEQKSNE
EGSEEKGPEVREYREKVETELQGVCDTVLGLLDSHLIKEAGDAESRVFYLKMKGDYYRYLAEVATGDDKKRIIDSARSAY
QEAMDISKKEMPPTNPIRLGLALNFSVFHYEIANSPEEAISLAKTTFDEAMADLHTLSEDSYKDSTLIMQLLRDNLTLWT
;
A
2 'polypeptide(L)' EGRSAG(SEP)IPGRRS P
#
loop_
_chem_comp.id
_chem_comp.type
_chem_comp.name
_chem_comp.formula
CA non-polymer 'CALCIUM ION' 'Ca 2'
CL non-polymer 'CHLORIDE ION' 'Cl -1'
GOL non-polymer GLYCEROL 'C3 H8 O3'
V4K non-polymer 4-[4-(2-hydroxyethyl)piperidin-1-yl]carbonylbenzaldehyde 'C15 H19 N O3'
#
# COMPACT_ATOMS: atom_id res chain seq x y z
N MET A 3 2.81 -19.00 -14.43
CA MET A 3 1.64 -19.68 -13.87
C MET A 3 0.57 -19.85 -14.94
N GLY A 4 0.98 -19.74 -16.20
CA GLY A 4 0.04 -19.75 -17.31
C GLY A 4 -0.68 -21.07 -17.50
N SER A 5 -0.14 -22.16 -16.98
CA SER A 5 -0.74 -23.47 -17.15
C SER A 5 -1.65 -23.87 -15.99
N MET A 6 -1.75 -23.05 -14.95
CA MET A 6 -2.59 -23.36 -13.80
C MET A 6 -3.90 -22.60 -13.91
N GLU A 7 -4.99 -23.24 -13.47
CA GLU A 7 -6.30 -22.63 -13.50
C GLU A 7 -6.35 -21.38 -12.62
N ARG A 8 -7.18 -20.43 -13.01
CA ARG A 8 -7.36 -19.20 -12.22
C ARG A 8 -7.84 -19.54 -10.81
N ALA A 9 -8.83 -20.43 -10.71
CA ALA A 9 -9.36 -20.79 -9.39
C ALA A 9 -8.32 -21.51 -8.54
N SER A 10 -7.44 -22.30 -9.17
CA SER A 10 -6.40 -23.00 -8.43
C SER A 10 -5.35 -22.03 -7.91
N LEU A 11 -5.02 -20.99 -8.70
CA LEU A 11 -4.10 -19.97 -8.23
C LEU A 11 -4.66 -19.22 -7.03
N ILE A 12 -5.93 -18.83 -7.10
CA ILE A 12 -6.58 -18.20 -5.96
C ILE A 12 -6.60 -19.15 -4.76
N GLN A 13 -6.93 -20.42 -5.02
CA GLN A 13 -6.97 -21.43 -3.95
C GLN A 13 -5.62 -21.57 -3.27
N LYS A 14 -4.55 -21.64 -4.06
CA LYS A 14 -3.21 -21.80 -3.51
C LYS A 14 -2.66 -20.53 -2.89
N ALA A 15 -3.15 -19.36 -3.31
CA ALA A 15 -2.73 -18.13 -2.67
C ALA A 15 -3.25 -18.05 -1.24
N LYS A 16 -4.48 -18.54 -1.01
CA LYS A 16 -5.01 -18.58 0.34
C LYS A 16 -4.27 -19.59 1.20
N LEU A 17 -3.85 -20.72 0.61
CA LEU A 17 -3.04 -21.68 1.35
C LEU A 17 -1.68 -21.11 1.69
N ALA A 18 -1.09 -20.33 0.78
CA ALA A 18 0.22 -19.74 1.04
C ALA A 18 0.15 -18.73 2.18
N GLU A 19 -0.95 -17.98 2.27
CA GLU A 19 -1.11 -17.05 3.38
C GLU A 19 -1.18 -17.80 4.71
N GLN A 20 -1.90 -18.92 4.74
CA GLN A 20 -1.99 -19.73 5.95
C GLN A 20 -0.61 -20.26 6.36
N ALA A 21 0.19 -20.66 5.37
CA ALA A 21 1.54 -21.14 5.63
C ALA A 21 2.56 -20.02 5.77
N GLU A 22 2.11 -18.76 5.68
CA GLU A 22 3.00 -17.60 5.75
C GLU A 22 4.09 -17.67 4.68
N ARG A 23 3.72 -18.14 3.50
CA ARG A 23 4.61 -18.24 2.34
C ARG A 23 4.23 -17.12 1.39
N TYR A 24 4.71 -15.91 1.69
CA TYR A 24 4.20 -14.72 1.02
C TYR A 24 4.78 -14.53 -0.37
N GLU A 25 6.00 -15.02 -0.61
N GLU A 25 6.00 -15.04 -0.62
CA GLU A 25 6.54 -14.98 -1.97
CA GLU A 25 6.55 -14.98 -1.97
C GLU A 25 5.74 -15.90 -2.89
C GLU A 25 5.79 -15.91 -2.91
N ASP A 26 5.38 -17.08 -2.40
CA ASP A 26 4.51 -17.96 -3.17
C ASP A 26 3.15 -17.31 -3.40
N MET A 27 2.59 -16.71 -2.34
CA MET A 27 1.30 -16.04 -2.44
C MET A 27 1.32 -14.96 -3.50
N ALA A 28 2.39 -14.16 -3.56
CA ALA A 28 2.49 -13.11 -4.55
C ALA A 28 2.60 -13.69 -5.96
N ALA A 29 3.39 -14.76 -6.12
CA ALA A 29 3.52 -15.38 -7.43
C ALA A 29 2.20 -15.98 -7.90
N PHE A 30 1.44 -16.58 -6.98
CA PHE A 30 0.14 -17.12 -7.33
C PHE A 30 -0.81 -16.00 -7.77
N MET A 31 -0.84 -14.91 -7.01
CA MET A 31 -1.75 -13.81 -7.34
C MET A 31 -1.30 -13.07 -8.59
N LYS A 32 0.01 -13.02 -8.84
CA LYS A 32 0.49 -12.45 -10.09
C LYS A 32 -0.03 -13.26 -11.28
N GLY A 33 -0.01 -14.58 -11.18
CA GLY A 33 -0.56 -15.41 -12.24
C GLY A 33 -2.07 -15.26 -12.38
N ALA A 34 -2.76 -15.05 -11.25
CA ALA A 34 -4.20 -14.86 -11.30
C ALA A 34 -4.56 -13.56 -12.02
N VAL A 35 -3.81 -12.49 -11.74
CA VAL A 35 -4.05 -11.22 -12.42
C VAL A 35 -3.80 -11.36 -13.92
N GLU A 36 -2.71 -12.03 -14.29
CA GLU A 36 -2.32 -12.17 -15.68
C GLU A 36 -3.26 -13.06 -16.48
N LYS A 37 -4.26 -13.68 -15.83
CA LYS A 37 -5.32 -14.35 -16.59
C LYS A 37 -6.19 -13.37 -17.37
N GLY A 38 -6.14 -12.08 -17.03
CA GLY A 38 -6.82 -11.04 -17.77
C GLY A 38 -8.16 -10.63 -17.22
N GLU A 39 -8.62 -11.29 -16.17
CA GLU A 39 -9.94 -11.06 -15.62
C GLU A 39 -9.85 -10.12 -14.41
N GLU A 40 -10.91 -9.35 -14.21
CA GLU A 40 -10.94 -8.43 -13.08
C GLU A 40 -10.99 -9.21 -11.78
N LEU A 41 -10.56 -8.55 -10.70
CA LEU A 41 -10.44 -9.19 -9.40
C LEU A 41 -11.63 -8.83 -8.53
N SER A 42 -12.13 -9.81 -7.78
CA SER A 42 -13.18 -9.58 -6.79
C SER A 42 -12.58 -8.83 -5.60
N CSO A 43 -13.44 -8.43 -4.67
CA CSO A 43 -12.99 -7.67 -3.50
CB CSO A 43 -14.17 -7.28 -2.62
SG CSO A 43 -13.56 -6.63 -1.04
C CSO A 43 -11.99 -8.51 -2.69
O CSO A 43 -10.94 -8.02 -2.27
OD CSO A 43 -13.76 -7.82 0.27
N GLU A 44 -12.33 -9.78 -2.48
CA GLU A 44 -11.47 -10.70 -1.74
C GLU A 44 -10.16 -10.95 -2.48
N GLU A 45 -10.26 -11.11 -3.80
CA GLU A 45 -9.06 -11.34 -4.60
C GLU A 45 -8.14 -10.12 -4.60
N ARG A 46 -8.72 -8.91 -4.55
CA ARG A 46 -7.89 -7.72 -4.44
C ARG A 46 -7.14 -7.69 -3.12
N ASN A 47 -7.78 -8.16 -2.05
CA ASN A 47 -7.12 -8.23 -0.75
C ASN A 47 -5.96 -9.22 -0.77
N LEU A 48 -6.16 -10.36 -1.43
CA LEU A 48 -5.10 -11.37 -1.52
C LEU A 48 -3.88 -10.80 -2.24
N LEU A 49 -4.10 -10.09 -3.34
CA LEU A 49 -3.00 -9.47 -4.07
C LEU A 49 -2.27 -8.45 -3.22
N SER A 50 -3.02 -7.60 -2.51
CA SER A 50 -2.40 -6.55 -1.71
C SER A 50 -1.62 -7.13 -0.53
N VAL A 51 -2.22 -8.10 0.18
CA VAL A 51 -1.57 -8.67 1.36
C VAL A 51 -0.28 -9.38 0.96
N ALA A 52 -0.30 -10.08 -0.17
CA ALA A 52 0.88 -10.85 -0.59
C ALA A 52 2.07 -9.93 -0.83
N TYR A 53 1.90 -8.91 -1.67
CA TYR A 53 3.03 -8.06 -2.01
C TYR A 53 3.40 -7.10 -0.89
N LYS A 54 2.43 -6.70 -0.06
CA LYS A 54 2.76 -5.87 1.09
C LYS A 54 3.65 -6.61 2.08
N ASN A 55 3.47 -7.92 2.20
CA ASN A 55 4.34 -8.71 3.08
C ASN A 55 5.73 -8.84 2.47
N VAL A 56 5.80 -9.14 1.17
CA VAL A 56 7.09 -9.35 0.51
C VAL A 56 7.92 -8.07 0.55
N VAL A 57 7.31 -6.95 0.15
CA VAL A 57 8.04 -5.69 0.15
C VAL A 57 8.29 -5.21 1.58
N GLY A 58 7.42 -5.60 2.52
CA GLY A 58 7.63 -5.22 3.91
C GLY A 58 8.90 -5.82 4.49
N GLY A 59 9.16 -7.09 4.18
CA GLY A 59 10.41 -7.70 4.62
C GLY A 59 11.62 -7.11 3.93
N GLN A 60 11.46 -6.72 2.66
CA GLN A 60 12.56 -6.10 1.94
C GLN A 60 12.87 -4.71 2.51
N ARG A 61 11.84 -3.93 2.83
CA ARG A 61 12.06 -2.61 3.41
C ARG A 61 12.74 -2.71 4.77
N ALA A 62 12.33 -3.66 5.59
CA ALA A 62 12.94 -3.83 6.91
C ALA A 62 14.41 -4.23 6.78
N ALA A 63 14.73 -5.10 5.81
CA ALA A 63 16.12 -5.49 5.60
C ALA A 63 16.92 -4.34 5.01
N TRP A 64 16.30 -3.54 4.14
CA TRP A 64 16.97 -2.37 3.58
C TRP A 64 17.35 -1.36 4.67
N ARG A 65 16.44 -1.14 5.62
CA ARG A 65 16.70 -0.16 6.67
C ARG A 65 17.78 -0.65 7.64
N VAL A 66 17.85 -1.96 7.87
CA VAL A 66 18.92 -2.51 8.70
C VAL A 66 20.28 -2.27 8.04
N LEU A 67 20.36 -2.57 6.74
CA LEU A 67 21.63 -2.44 6.03
C LEU A 67 22.01 -0.98 5.81
N SER A 68 21.02 -0.14 5.47
CA SER A 68 21.31 1.28 5.28
C SER A 68 21.78 1.94 6.57
N SER A 69 21.27 1.47 7.72
CA SER A 69 21.74 1.99 9.00
C SER A 69 23.19 1.58 9.26
N ILE A 70 23.53 0.32 8.97
CA ILE A 70 24.91 -0.14 9.11
C ILE A 70 25.80 0.63 8.14
N GLU A 71 25.31 0.85 6.92
CA GLU A 71 26.10 1.58 5.92
C GLU A 71 26.39 3.00 6.38
N GLN A 72 25.40 3.66 6.98
CA GLN A 72 25.60 5.05 7.41
C GLN A 72 26.52 5.14 8.61
N LYS A 73 26.44 4.16 9.52
CA LYS A 73 27.39 4.10 10.63
C LYS A 73 28.80 3.99 10.12
N SER A 74 29.03 3.16 9.11
CA SER A 74 30.32 3.07 8.44
C SER A 74 30.52 4.29 7.55
N GLY A 83 35.29 -1.94 3.76
CA GLY A 83 35.20 -2.41 2.39
C GLY A 83 33.86 -2.09 1.74
N PRO A 84 33.67 -2.57 0.51
CA PRO A 84 32.43 -2.27 -0.22
C PRO A 84 31.30 -3.25 0.06
N GLU A 85 31.48 -4.19 0.99
CA GLU A 85 30.50 -5.26 1.17
C GLU A 85 29.15 -4.73 1.64
N VAL A 86 29.15 -3.79 2.58
CA VAL A 86 27.90 -3.28 3.12
C VAL A 86 27.11 -2.54 2.05
N ARG A 87 27.80 -1.72 1.25
CA ARG A 87 27.12 -1.00 0.19
C ARG A 87 26.64 -1.95 -0.91
N GLU A 88 27.46 -2.96 -1.24
CA GLU A 88 27.08 -3.91 -2.28
C GLU A 88 25.82 -4.68 -1.88
N TYR A 89 25.77 -5.16 -0.63
CA TYR A 89 24.63 -5.96 -0.20
C TYR A 89 23.39 -5.09 -0.04
N ARG A 90 23.55 -3.85 0.41
CA ARG A 90 22.42 -2.93 0.46
C ARG A 90 21.91 -2.65 -0.95
N GLU A 91 22.81 -2.45 -1.91
CA GLU A 91 22.41 -2.29 -3.30
C GLU A 91 21.71 -3.53 -3.82
N LYS A 92 22.11 -4.71 -3.35
CA LYS A 92 21.48 -5.95 -3.78
C LYS A 92 20.03 -6.03 -3.29
N VAL A 93 19.81 -5.79 -1.99
CA VAL A 93 18.46 -5.79 -1.45
C VAL A 93 17.63 -4.67 -2.08
N GLU A 94 18.26 -3.51 -2.29
CA GLU A 94 17.54 -2.38 -2.87
C GLU A 94 17.06 -2.68 -4.28
N THR A 95 17.90 -3.36 -5.07
CA THR A 95 17.52 -3.69 -6.45
C THR A 95 16.37 -4.69 -6.47
N GLU A 96 16.40 -5.68 -5.57
CA GLU A 96 15.32 -6.66 -5.51
C GLU A 96 14.03 -6.02 -5.01
N LEU A 97 14.12 -5.07 -4.09
CA LEU A 97 12.94 -4.33 -3.66
C LEU A 97 12.33 -3.54 -4.81
N GLN A 98 13.18 -2.87 -5.60
CA GLN A 98 12.68 -2.11 -6.74
C GLN A 98 12.06 -3.00 -7.80
N GLY A 99 12.55 -4.23 -7.94
CA GLY A 99 11.95 -5.16 -8.89
C GLY A 99 10.55 -5.58 -8.48
N VAL A 100 10.34 -5.81 -7.19
CA VAL A 100 9.00 -6.18 -6.72
C VAL A 100 8.04 -5.00 -6.89
N CYS A 101 8.48 -3.79 -6.54
CA CYS A 101 7.64 -2.62 -6.73
C CYS A 101 7.30 -2.42 -8.20
N ASP A 102 8.29 -2.59 -9.08
CA ASP A 102 8.03 -2.46 -10.52
C ASP A 102 7.06 -3.54 -10.99
N THR A 103 7.12 -4.73 -10.40
CA THR A 103 6.21 -5.81 -10.79
C THR A 103 4.77 -5.46 -10.43
N VAL A 104 4.54 -4.97 -9.22
CA VAL A 104 3.19 -4.59 -8.80
C VAL A 104 2.67 -3.44 -9.66
N LEU A 105 3.51 -2.43 -9.89
CA LEU A 105 3.11 -1.30 -10.71
C LEU A 105 2.81 -1.73 -12.14
N GLY A 106 3.50 -2.76 -12.63
CA GLY A 106 3.19 -3.28 -13.95
C GLY A 106 1.85 -3.99 -14.01
N LEU A 107 1.50 -4.71 -12.94
CA LEU A 107 0.20 -5.36 -12.88
C LEU A 107 -0.92 -4.33 -12.83
N LEU A 108 -0.72 -3.26 -12.05
CA LEU A 108 -1.73 -2.21 -11.96
C LEU A 108 -1.90 -1.49 -13.29
N ASP A 109 -0.79 -1.29 -14.01
CA ASP A 109 -0.84 -0.61 -15.31
C ASP A 109 -1.26 -1.53 -16.44
N SER A 110 -1.19 -2.85 -16.24
CA SER A 110 -1.51 -3.83 -17.30
C SER A 110 -2.21 -5.04 -16.66
N HIS A 111 -3.53 -4.95 -16.52
CA HIS A 111 -4.33 -3.79 -16.92
C HIS A 111 -5.41 -3.54 -15.86
N LEU A 112 -5.03 -3.65 -14.59
CA LEU A 112 -6.00 -3.62 -13.50
C LEU A 112 -6.70 -2.27 -13.40
N ILE A 113 -5.95 -1.18 -13.50
CA ILE A 113 -6.53 0.15 -13.22
C ILE A 113 -7.48 0.57 -14.33
N LYS A 114 -7.08 0.39 -15.59
CA LYS A 114 -7.92 0.86 -16.69
C LYS A 114 -9.24 0.11 -16.77
N GLU A 115 -9.28 -1.12 -16.25
CA GLU A 115 -10.52 -1.89 -16.25
C GLU A 115 -11.30 -1.76 -14.95
N ALA A 116 -10.84 -0.96 -13.99
CA ALA A 116 -11.53 -0.76 -12.73
C ALA A 116 -12.48 0.42 -12.86
N GLY A 117 -13.78 0.14 -12.92
CA GLY A 117 -14.77 1.18 -13.08
C GLY A 117 -15.47 1.55 -11.78
N ASP A 118 -15.67 0.57 -10.90
CA ASP A 118 -16.30 0.84 -9.62
C ASP A 118 -15.35 1.61 -8.71
N ALA A 119 -15.95 2.39 -7.81
CA ALA A 119 -15.15 3.20 -6.88
C ALA A 119 -14.33 2.32 -5.96
N GLU A 120 -14.92 1.22 -5.47
CA GLU A 120 -14.21 0.35 -4.54
C GLU A 120 -12.94 -0.22 -5.17
N SER A 121 -13.03 -0.68 -6.43
CA SER A 121 -11.87 -1.28 -7.07
C SER A 121 -10.87 -0.21 -7.52
N ARG A 122 -11.36 0.90 -8.07
CA ARG A 122 -10.45 1.91 -8.61
C ARG A 122 -9.67 2.61 -7.49
N VAL A 123 -10.34 2.96 -6.40
CA VAL A 123 -9.65 3.57 -5.26
C VAL A 123 -8.63 2.59 -4.69
N PHE A 124 -8.98 1.30 -4.65
CA PHE A 124 -8.07 0.29 -4.09
C PHE A 124 -6.79 0.19 -4.91
N TYR A 125 -6.90 0.16 -6.24
CA TYR A 125 -5.72 0.02 -7.08
C TYR A 125 -4.88 1.29 -7.07
N LEU A 126 -5.52 2.45 -7.10
CA LEU A 126 -4.77 3.70 -7.06
C LEU A 126 -4.06 3.89 -5.73
N LYS A 127 -4.67 3.43 -4.63
CA LYS A 127 -3.97 3.42 -3.35
C LYS A 127 -2.74 2.53 -3.39
N MET A 128 -2.87 1.34 -4.00
CA MET A 128 -1.71 0.49 -4.20
C MET A 128 -0.63 1.19 -5.01
N LYS A 129 -1.04 1.89 -6.07
CA LYS A 129 -0.07 2.57 -6.92
C LYS A 129 0.70 3.62 -6.15
N GLY A 130 0.02 4.37 -5.28
CA GLY A 130 0.71 5.34 -4.45
C GLY A 130 1.63 4.69 -3.44
N ASP A 131 1.22 3.53 -2.90
CA ASP A 131 2.04 2.85 -1.89
C ASP A 131 3.36 2.37 -2.49
N TYR A 132 3.31 1.74 -3.65
CA TYR A 132 4.51 1.15 -4.22
C TYR A 132 5.40 2.18 -4.91
N TYR A 133 4.86 3.34 -5.30
CA TYR A 133 5.71 4.46 -5.66
C TYR A 133 6.33 5.09 -4.41
N ARG A 134 5.61 5.07 -3.29
CA ARG A 134 6.18 5.56 -2.04
C ARG A 134 7.34 4.68 -1.58
N TYR A 135 7.21 3.36 -1.78
CA TYR A 135 8.31 2.46 -1.41
C TYR A 135 9.52 2.69 -2.30
N LEU A 136 9.30 2.96 -3.60
CA LEU A 136 10.41 3.34 -4.47
C LEU A 136 11.01 4.67 -4.02
N ALA A 137 10.18 5.59 -3.52
CA ALA A 137 10.69 6.88 -3.08
C ALA A 137 11.55 6.75 -1.82
N GLU A 138 11.29 5.74 -0.99
CA GLU A 138 12.04 5.59 0.25
C GLU A 138 13.52 5.30 -0.02
N VAL A 139 13.84 4.72 -1.18
CA VAL A 139 15.20 4.31 -1.50
C VAL A 139 15.81 5.11 -2.63
N ALA A 140 15.08 6.08 -3.19
CA ALA A 140 15.56 6.82 -4.35
C ALA A 140 16.48 7.96 -3.92
N THR A 141 17.55 8.15 -4.69
CA THR A 141 18.50 9.23 -4.43
C THR A 141 18.97 9.94 -5.70
N GLY A 142 18.56 9.50 -6.88
CA GLY A 142 19.11 9.98 -8.13
C GLY A 142 18.23 11.00 -8.82
N ASP A 143 18.39 11.09 -10.15
CA ASP A 143 17.67 12.07 -10.95
C ASP A 143 16.18 11.81 -11.05
N ASP A 144 15.69 10.70 -10.53
CA ASP A 144 14.27 10.36 -10.62
C ASP A 144 13.51 10.58 -9.32
N LYS A 145 14.22 10.87 -8.22
CA LYS A 145 13.58 10.93 -6.90
C LYS A 145 12.35 11.83 -6.90
N LYS A 146 12.45 13.01 -7.53
CA LYS A 146 11.33 13.93 -7.54
C LYS A 146 10.17 13.39 -8.38
N ARG A 147 10.48 12.79 -9.53
CA ARG A 147 9.42 12.25 -10.38
C ARG A 147 8.72 11.06 -9.72
N ILE A 148 9.47 10.24 -8.97
CA ILE A 148 8.85 9.14 -8.24
C ILE A 148 7.92 9.68 -7.15
N ILE A 149 8.35 10.72 -6.44
CA ILE A 149 7.51 11.30 -5.41
C ILE A 149 6.22 11.85 -6.01
N ASP A 150 6.32 12.52 -7.16
CA ASP A 150 5.13 13.06 -7.81
C ASP A 150 4.23 11.95 -8.33
N SER A 151 4.80 10.82 -8.75
CA SER A 151 3.98 9.70 -9.18
C SER A 151 3.17 9.13 -8.01
N ALA A 152 3.77 9.11 -6.81
CA ALA A 152 3.03 8.66 -5.64
C ALA A 152 1.94 9.66 -5.25
N ARG A 153 2.27 10.96 -5.29
N ARG A 153 2.28 10.96 -5.27
CA ARG A 153 1.28 11.97 -4.94
CA ARG A 153 1.30 12.00 -4.95
C ARG A 153 0.13 11.99 -5.93
C ARG A 153 0.14 11.97 -5.92
N SER A 154 0.42 11.83 -7.22
CA SER A 154 -0.63 11.84 -8.23
C SER A 154 -1.58 10.66 -8.07
N ALA A 155 -1.03 9.47 -7.78
CA ALA A 155 -1.87 8.30 -7.57
C ALA A 155 -2.72 8.44 -6.32
N TYR A 156 -2.11 8.91 -5.22
CA TYR A 156 -2.87 9.13 -3.99
C TYR A 156 -3.97 10.16 -4.21
N GLN A 157 -3.66 11.24 -4.93
CA GLN A 157 -4.61 12.34 -5.07
C GLN A 157 -5.83 11.93 -5.87
N GLU A 158 -5.63 11.17 -6.95
CA GLU A 158 -6.77 10.69 -7.73
C GLU A 158 -7.65 9.77 -6.90
N ALA A 159 -7.03 8.88 -6.11
CA ALA A 159 -7.81 8.00 -5.24
C ALA A 159 -8.54 8.80 -4.17
N MET A 160 -7.91 9.86 -3.66
CA MET A 160 -8.58 10.70 -2.68
C MET A 160 -9.80 11.40 -3.28
N ASP A 161 -9.67 11.90 -4.51
CA ASP A 161 -10.77 12.61 -5.15
C ASP A 161 -11.97 11.69 -5.36
N ILE A 162 -11.73 10.46 -5.82
CA ILE A 162 -12.82 9.52 -6.04
C ILE A 162 -13.45 9.10 -4.72
N SER A 163 -12.63 8.84 -3.71
CA SER A 163 -13.15 8.33 -2.44
C SER A 163 -14.02 9.37 -1.75
N LYS A 164 -13.64 10.65 -1.85
CA LYS A 164 -14.47 11.71 -1.25
C LYS A 164 -15.79 11.87 -1.99
N LYS A 165 -15.81 11.58 -3.29
CA LYS A 165 -17.04 11.71 -4.06
C LYS A 165 -17.93 10.47 -3.94
N GLU A 166 -17.35 9.29 -3.75
CA GLU A 166 -18.07 8.04 -3.94
C GLU A 166 -18.15 7.16 -2.69
N MET A 167 -17.45 7.49 -1.61
CA MET A 167 -17.45 6.62 -0.46
C MET A 167 -17.84 7.38 0.80
N PRO A 168 -18.50 6.72 1.75
CA PRO A 168 -18.78 7.35 3.04
C PRO A 168 -17.50 7.57 3.81
N PRO A 169 -17.48 8.53 4.74
CA PRO A 169 -16.23 8.83 5.47
C PRO A 169 -15.71 7.68 6.31
N THR A 170 -16.54 6.66 6.59
CA THR A 170 -16.13 5.54 7.41
C THR A 170 -15.65 4.34 6.61
N ASN A 171 -15.64 4.44 5.28
CA ASN A 171 -15.25 3.30 4.46
C ASN A 171 -13.81 2.91 4.76
N PRO A 172 -13.54 1.64 5.05
CA PRO A 172 -12.17 1.25 5.43
C PRO A 172 -11.12 1.56 4.38
N ILE A 173 -11.45 1.42 3.10
CA ILE A 173 -10.50 1.73 2.04
C ILE A 173 -10.23 3.23 2.00
N ARG A 174 -11.28 4.05 2.16
CA ARG A 174 -11.09 5.49 2.23
C ARG A 174 -10.23 5.87 3.44
N LEU A 175 -10.46 5.22 4.57
CA LEU A 175 -9.68 5.53 5.77
C LEU A 175 -8.23 5.10 5.61
N GLY A 176 -8.00 3.88 5.10
CA GLY A 176 -6.64 3.44 4.88
C GLY A 176 -5.91 4.25 3.84
N LEU A 177 -6.62 4.73 2.82
CA LEU A 177 -6.01 5.61 1.83
C LEU A 177 -5.53 6.90 2.47
N ALA A 178 -6.38 7.54 3.27
CA ALA A 178 -6.01 8.79 3.93
C ALA A 178 -4.88 8.56 4.91
N LEU A 179 -4.87 7.42 5.59
CA LEU A 179 -3.80 7.09 6.52
C LEU A 179 -2.46 7.01 5.80
N ASN A 180 -2.42 6.26 4.69
CA ASN A 180 -1.16 6.09 3.97
C ASN A 180 -0.75 7.37 3.26
N PHE A 181 -1.72 8.12 2.72
CA PHE A 181 -1.40 9.41 2.11
C PHE A 181 -0.85 10.38 3.15
N SER A 182 -1.34 10.30 4.39
N SER A 182 -1.35 10.31 4.39
CA SER A 182 -0.81 11.16 5.45
CA SER A 182 -0.81 11.16 5.45
C SER A 182 0.61 10.74 5.82
C SER A 182 0.62 10.74 5.80
N VAL A 183 0.90 9.44 5.78
CA VAL A 183 2.27 8.98 6.02
C VAL A 183 3.19 9.44 4.89
N PHE A 184 2.68 9.47 3.66
CA PHE A 184 3.44 10.01 2.53
C PHE A 184 3.81 11.46 2.78
N HIS A 185 2.84 12.28 3.22
CA HIS A 185 3.12 13.68 3.50
C HIS A 185 4.19 13.83 4.57
N TYR A 186 4.13 13.01 5.62
CA TYR A 186 5.05 13.16 6.74
C TYR A 186 6.44 12.61 6.41
N GLU A 187 6.49 11.41 5.83
CA GLU A 187 7.75 10.69 5.69
C GLU A 187 8.47 10.97 4.37
N ILE A 188 7.73 11.31 3.32
CA ILE A 188 8.29 11.42 1.97
C ILE A 188 8.31 12.87 1.49
N ALA A 189 7.19 13.57 1.60
CA ALA A 189 7.02 14.88 1.00
C ALA A 189 7.50 16.02 1.91
N ASN A 190 7.96 15.72 3.13
CA ASN A 190 8.40 16.74 4.08
C ASN A 190 7.29 17.77 4.32
N SER A 191 6.08 17.27 4.52
CA SER A 191 4.91 18.11 4.77
C SER A 191 4.19 17.60 6.02
N PRO A 192 4.79 17.76 7.20
CA PRO A 192 4.16 17.23 8.41
C PRO A 192 2.85 17.93 8.76
N GLU A 193 2.71 19.21 8.43
CA GLU A 193 1.46 19.91 8.71
C GLU A 193 0.34 19.39 7.84
N GLU A 194 0.63 19.12 6.56
CA GLU A 194 -0.37 18.48 5.70
C GLU A 194 -0.73 17.09 6.21
N ALA A 195 0.26 16.36 6.74
CA ALA A 195 0.00 15.04 7.28
C ALA A 195 -0.93 15.11 8.49
N ILE A 196 -0.68 16.06 9.39
CA ILE A 196 -1.50 16.17 10.59
C ILE A 196 -2.91 16.63 10.26
N SER A 197 -3.02 17.55 9.29
N SER A 197 -3.03 17.56 9.29
CA SER A 197 -4.34 18.07 8.92
CA SER A 197 -4.34 18.07 8.91
C SER A 197 -5.20 16.99 8.26
C SER A 197 -5.20 16.98 8.28
N LEU A 198 -4.60 16.16 7.40
CA LEU A 198 -5.35 15.11 6.74
C LEU A 198 -5.82 14.05 7.72
N ALA A 199 -4.93 13.60 8.61
CA ALA A 199 -5.28 12.57 9.58
C ALA A 199 -6.37 13.07 10.53
N LYS A 200 -6.30 14.34 10.93
CA LYS A 200 -7.27 14.90 11.86
C LYS A 200 -8.64 15.06 11.20
N THR A 201 -8.65 15.63 9.99
CA THR A 201 -9.90 15.80 9.26
C THR A 201 -10.53 14.45 8.92
N THR A 202 -9.71 13.47 8.56
CA THR A 202 -10.22 12.14 8.27
C THR A 202 -10.83 11.50 9.52
N PHE A 203 -10.14 11.61 10.66
CA PHE A 203 -10.65 11.03 11.89
C PHE A 203 -11.97 11.66 12.31
N ASP A 204 -12.05 13.00 12.24
CA ASP A 204 -13.24 13.69 12.71
C ASP A 204 -14.45 13.41 11.84
N GLU A 205 -14.27 13.38 10.52
CA GLU A 205 -15.40 13.11 9.63
C GLU A 205 -15.86 11.66 9.73
N ALA A 206 -14.95 10.74 10.05
CA ALA A 206 -15.36 9.35 10.29
C ALA A 206 -16.10 9.23 11.61
N MET A 207 -15.64 9.96 12.63
CA MET A 207 -16.32 9.96 13.92
C MET A 207 -17.79 10.35 13.77
N ALA A 208 -18.07 11.38 12.96
CA ALA A 208 -19.43 11.87 12.80
C ALA A 208 -20.31 10.94 11.98
N ASP A 209 -19.72 9.96 11.30
CA ASP A 209 -20.45 9.02 10.46
C ASP A 209 -20.61 7.65 11.10
N LEU A 210 -20.02 7.45 12.29
CA LEU A 210 -20.08 6.13 12.93
C LEU A 210 -21.51 5.73 13.29
N HIS A 211 -22.39 6.71 13.51
CA HIS A 211 -23.75 6.40 13.95
C HIS A 211 -24.56 5.67 12.88
N THR A 212 -24.10 5.65 11.64
CA THR A 212 -24.82 4.99 10.56
C THR A 212 -24.45 3.52 10.40
N LEU A 213 -23.48 3.02 11.17
CA LEU A 213 -22.88 1.73 10.91
C LEU A 213 -23.46 0.65 11.81
N SER A 214 -23.38 -0.60 11.33
CA SER A 214 -23.66 -1.76 12.15
C SER A 214 -22.47 -2.04 13.06
N GLU A 215 -22.65 -3.01 13.97
CA GLU A 215 -21.60 -3.34 14.91
C GLU A 215 -20.35 -3.86 14.21
N ASP A 216 -20.52 -4.61 13.13
CA ASP A 216 -19.37 -5.15 12.41
C ASP A 216 -18.66 -4.06 11.62
N SER A 217 -19.41 -3.20 10.94
CA SER A 217 -18.80 -2.07 10.25
C SER A 217 -18.22 -1.07 11.23
N TYR A 218 -18.86 -0.90 12.39
CA TYR A 218 -18.30 -0.05 13.44
C TYR A 218 -16.91 -0.52 13.83
N LYS A 219 -16.73 -1.83 14.01
CA LYS A 219 -15.42 -2.37 14.35
C LYS A 219 -14.41 -2.11 13.26
N ASP A 220 -14.81 -2.34 12.00
CA ASP A 220 -13.90 -2.14 10.87
C ASP A 220 -13.37 -0.71 10.83
N SER A 221 -14.25 0.27 11.02
CA SER A 221 -13.86 1.67 10.88
C SER A 221 -13.05 2.16 12.08
N THR A 222 -13.48 1.83 13.29
CA THR A 222 -12.80 2.33 14.48
C THR A 222 -11.38 1.78 14.60
N LEU A 223 -11.14 0.58 14.06
CA LEU A 223 -9.79 0.02 14.04
C LEU A 223 -8.84 0.91 13.25
N ILE A 224 -9.24 1.33 12.05
CA ILE A 224 -8.38 2.19 11.25
C ILE A 224 -8.32 3.60 11.82
N MET A 225 -9.43 4.05 12.43
CA MET A 225 -9.42 5.37 13.07
C MET A 225 -8.40 5.43 14.20
N GLN A 226 -8.19 4.32 14.90
CA GLN A 226 -7.18 4.29 15.96
C GLN A 226 -5.78 4.39 15.39
N LEU A 227 -5.55 3.83 14.20
CA LEU A 227 -4.25 4.00 13.54
C LEU A 227 -3.99 5.46 13.21
N LEU A 228 -5.02 6.18 12.75
CA LEU A 228 -4.87 7.62 12.54
C LEU A 228 -4.58 8.33 13.86
N ARG A 229 -5.27 7.93 14.93
CA ARG A 229 -5.02 8.52 16.25
C ARG A 229 -3.60 8.26 16.73
N ASP A 230 -3.09 7.05 16.47
CA ASP A 230 -1.73 6.71 16.88
C ASP A 230 -0.72 7.63 16.22
N ASN A 231 -0.88 7.88 14.92
CA ASN A 231 0.05 8.76 14.22
C ASN A 231 -0.05 10.20 14.71
N LEU A 232 -1.28 10.66 14.98
CA LEU A 232 -1.45 12.02 15.49
C LEU A 232 -0.79 12.18 16.86
N THR A 233 -0.90 11.17 17.71
CA THR A 233 -0.23 11.21 19.01
C THR A 233 1.29 11.26 18.82
N LEU A 234 1.81 10.55 17.82
CA LEU A 234 3.23 10.56 17.55
C LEU A 234 3.68 11.89 16.94
N TRP A 235 2.82 12.54 16.16
CA TRP A 235 3.20 13.74 15.41
C TRP A 235 2.93 15.04 16.15
N THR A 236 2.10 15.01 17.18
CA THR A 236 1.72 16.23 17.89
C THR A 236 2.13 16.19 19.36
N ALA B 5 5.65 6.32 12.52
CA ALA B 5 4.46 6.60 11.72
C ALA B 5 3.97 5.32 11.03
N GLY B 6 2.82 4.83 11.48
CA GLY B 6 2.29 3.58 10.98
C GLY B 6 1.38 3.70 9.77
N SEP B 7 1.72 2.96 8.71
CA SEP B 7 0.84 2.82 7.56
CB SEP B 7 1.66 2.54 6.30
OG SEP B 7 2.34 1.30 6.40
C SEP B 7 -0.14 1.68 7.83
O SEP B 7 -0.14 1.11 8.93
P SEP B 7 3.43 1.13 5.23
O1P SEP B 7 4.17 -0.28 5.41
O2P SEP B 7 4.51 2.31 5.32
O3P SEP B 7 2.69 1.18 3.81
N ILE B 8 -0.97 1.35 6.85
CA ILE B 8 -1.87 0.22 6.98
C ILE B 8 -1.03 -1.05 7.15
N PRO B 9 -1.29 -1.80 8.22
CA PRO B 9 -0.53 -3.04 8.44
C PRO B 9 -0.74 -4.02 7.30
N GLY B 10 0.35 -4.67 6.89
CA GLY B 10 0.36 -5.51 5.72
C GLY B 10 -0.54 -6.72 5.77
N ARG B 11 -0.19 -7.70 6.60
CA ARG B 11 -0.93 -8.95 6.66
C ARG B 11 -2.04 -8.84 7.71
N ARG B 12 -2.61 -9.98 8.06
CA ARG B 12 -3.75 -10.05 8.96
C ARG B 12 -3.63 -11.24 9.91
CL CL C . 26.07 -8.66 -2.55
C02 V4K D . -5.49 -6.85 5.51
C02 V4K D . -4.96 -6.79 6.27
C03 V4K D . -5.90 -6.81 6.98
C03 V4K D . -6.07 -6.86 7.30
C04 V4K D . -6.54 -5.48 7.33
C04 V4K D . -7.03 -5.69 7.11
C05 V4K D . -5.51 -4.42 7.53
C05 V4K D . -6.28 -4.45 7.38
C06 V4K D . -6.22 -3.09 7.72
C06 V4K D . -7.20 -3.24 7.39
C08 V4K D . -8.48 -2.86 6.38
C08 V4K D . -9.08 -3.28 5.56
C09 V4K D . -7.80 -2.04 5.27
C09 V4K D . -8.21 -2.35 4.70
C10 V4K D . -6.89 -2.68 4.45
C10 V4K D . -7.22 -2.95 3.93
C11 V4K D . -6.25 -2.00 3.44
C11 V4K D . -6.40 -2.18 3.13
C12 V4K D . -6.53 -0.66 3.24
C12 V4K D . -6.54 -0.81 3.12
C13 V4K D . -7.45 -0.01 4.05
C13 V4K D . -7.52 -0.20 3.91
C14 V4K D . -8.10 -0.70 5.07
C14 V4K D . -8.35 -0.97 4.71
C15 V4K D . -5.82 0.10 2.12
C15 V4K D . -5.62 0.03 2.24
C17 V4K D . -8.16 -4.18 8.65
C17 V4K D . -9.16 -4.60 7.86
C18 V4K D . -7.51 -5.56 8.45
C18 V4K D . -8.26 -5.85 7.93
N07 V4K D . -7.68 -3.33 7.52
N07 V4K D . -8.54 -3.68 6.87
O01 V4K D . -6.65 -6.98 4.73
O01 V4K D . -3.76 -6.48 6.93
O16 V4K D . -9.64 -3.14 6.31
O16 V4K D . -10.13 -3.67 5.19
CA CA E . -9.53 -21.72 -17.27
CL CL F . -15.09 -2.94 -15.48
C1 GOL G . 18.64 -9.80 -4.72
O1 GOL G . 18.01 -11.04 -4.55
C2 GOL G . 19.27 -9.79 -6.13
O2 GOL G . 20.51 -10.42 -6.14
C3 GOL G . 19.37 -8.29 -6.49
O3 GOL G . 19.32 -8.20 -7.87
#